data_8R9R
#
_entry.id   8R9R
#
_cell.length_a   73.920
_cell.length_b   73.920
_cell.length_c   159.960
_cell.angle_alpha   90.00
_cell.angle_beta   90.00
_cell.angle_gamma   120.00
#
_symmetry.space_group_name_H-M   'P 61 2 2'
#
loop_
_entity.id
_entity.type
_entity.pdbx_description
1 polymer 'Flagellar biosynthesis protein FlhF'
2 non-polymer "GUANOSINE-5'-DIPHOSPHATE"
3 water water
#
_entity_poly.entity_id   1
_entity_poly.type   'polypeptide(L)'
_entity_poly.pdbx_seq_one_letter_code
;MGSSLMTEHKKRIDPVGAMLESKLLEAEFSPAVAAKLAALSQHYTPAELVRALPQSLANMLDNQGDDIVRQGGVVALVGP
TGVGKTTSLAKLAARFAAHHGPEQVALITTDHYRIGAYEQLATYGKIMGCPVKQAHDLNELEQILYQFRNRKLVLIDTAG
MGQRDMRLYQQLDNLTANSRIPIRSYLVLSATGQRRVLQDAVNHFKRIPLSGAVLTKLDESVSLAGALSVLIQSGLPLSY
VTDGQRVPEDMKVADTLMLAQQALATLDSTEQQSLQDTAWSDNMACAFEHHHHHH
;
_entity_poly.pdbx_strand_id   A
#
# COMPACT_ATOMS: atom_id res chain seq x y z
N ASP A 14 8.32 -32.29 -16.77
CA ASP A 14 9.19 -31.12 -16.61
C ASP A 14 9.91 -31.16 -15.27
N PRO A 15 11.14 -31.73 -15.20
CA PRO A 15 11.77 -32.04 -13.92
C PRO A 15 12.15 -30.81 -13.10
N VAL A 16 12.84 -29.85 -13.73
CA VAL A 16 13.32 -28.67 -13.04
C VAL A 16 12.14 -27.77 -12.64
N GLY A 17 11.20 -27.56 -13.56
CA GLY A 17 10.02 -26.75 -13.31
C GLY A 17 9.28 -27.21 -12.04
N ALA A 18 9.18 -28.53 -11.87
CA ALA A 18 8.46 -29.11 -10.74
C ALA A 18 9.16 -28.88 -9.41
N MET A 19 10.49 -29.02 -9.39
CA MET A 19 11.26 -28.78 -8.18
C MET A 19 11.19 -27.32 -7.76
N LEU A 20 11.41 -26.42 -8.72
CA LEU A 20 11.33 -24.98 -8.49
C LEU A 20 10.00 -24.58 -7.85
N GLU A 21 8.89 -25.01 -8.46
CA GLU A 21 7.56 -24.68 -7.98
C GLU A 21 7.39 -25.18 -6.55
N SER A 22 7.74 -26.46 -6.33
CA SER A 22 7.68 -27.07 -5.02
C SER A 22 8.42 -26.26 -3.96
N LYS A 23 9.66 -25.85 -4.27
CA LYS A 23 10.47 -25.07 -3.35
C LYS A 23 9.86 -23.69 -3.11
N LEU A 24 9.32 -23.09 -4.18
CA LEU A 24 8.69 -21.78 -4.10
C LEU A 24 7.42 -21.80 -3.25
N LEU A 25 6.64 -22.88 -3.37
CA LEU A 25 5.49 -23.11 -2.50
C LEU A 25 5.94 -23.26 -1.05
N GLU A 26 7.03 -24.02 -0.82
CA GLU A 26 7.56 -24.20 0.51
C GLU A 26 8.06 -22.88 1.10
N ALA A 27 8.55 -21.98 0.24
CA ALA A 27 8.98 -20.65 0.66
C ALA A 27 7.82 -19.65 0.75
N GLU A 28 6.58 -20.15 0.70
CA GLU A 28 5.39 -19.37 1.01
C GLU A 28 4.92 -18.44 -0.10
N PHE A 29 5.39 -18.68 -1.34
CA PHE A 29 4.81 -18.04 -2.51
C PHE A 29 3.46 -18.68 -2.83
N SER A 30 2.55 -17.88 -3.42
CA SER A 30 1.23 -18.38 -3.78
C SER A 30 1.32 -19.33 -4.99
N PRO A 31 0.37 -20.29 -5.12
CA PRO A 31 0.36 -21.21 -6.27
C PRO A 31 0.51 -20.55 -7.63
N ALA A 32 -0.22 -19.44 -7.84
CA ALA A 32 -0.17 -18.70 -9.09
C ALA A 32 1.22 -18.17 -9.40
N VAL A 33 1.85 -17.51 -8.42
CA VAL A 33 3.15 -16.88 -8.63
C VAL A 33 4.26 -17.91 -8.70
N ALA A 34 4.13 -18.95 -7.86
CA ALA A 34 5.09 -20.05 -7.82
C ALA A 34 5.20 -20.72 -9.18
N ALA A 35 4.07 -20.85 -9.87
CA ALA A 35 4.03 -21.44 -11.20
C ALA A 35 4.67 -20.53 -12.24
N LYS A 36 4.29 -19.25 -12.24
CA LYS A 36 4.82 -18.28 -13.17
C LYS A 36 6.34 -18.20 -13.08
N LEU A 37 6.85 -18.18 -11.85
CA LEU A 37 8.29 -18.15 -11.61
C LEU A 37 8.92 -19.49 -11.98
N ALA A 38 8.29 -20.60 -11.60
CA ALA A 38 8.77 -21.92 -12.00
C ALA A 38 8.97 -21.96 -13.51
N ALA A 39 8.08 -21.27 -14.24
CA ALA A 39 8.04 -21.34 -15.70
C ALA A 39 9.27 -20.82 -16.42
N LEU A 40 10.01 -19.88 -15.82
CA LEU A 40 11.15 -19.29 -16.50
C LEU A 40 12.39 -20.18 -16.46
N SER A 41 12.32 -21.28 -15.69
CA SER A 41 13.32 -22.33 -15.81
C SER A 41 13.30 -23.00 -17.18
N GLN A 42 12.25 -22.69 -17.96
CA GLN A 42 12.13 -23.15 -19.34
C GLN A 42 12.73 -22.17 -20.34
N HIS A 43 13.07 -20.96 -19.89
CA HIS A 43 13.67 -19.96 -20.75
C HIS A 43 15.08 -19.53 -20.33
N TYR A 44 15.57 -20.01 -19.18
CA TYR A 44 16.87 -19.59 -18.67
C TYR A 44 17.76 -20.74 -18.21
N THR A 45 19.08 -20.49 -18.29
CA THR A 45 20.11 -21.34 -17.72
C THR A 45 19.99 -21.36 -16.20
N PRO A 46 20.42 -22.44 -15.51
CA PRO A 46 20.52 -22.42 -14.05
C PRO A 46 21.18 -21.14 -13.52
N ALA A 47 22.28 -20.74 -14.19
CA ALA A 47 23.07 -19.59 -13.79
C ALA A 47 22.37 -18.26 -14.07
N GLU A 48 21.76 -18.13 -15.26
CA GLU A 48 20.99 -16.97 -15.62
C GLU A 48 19.79 -16.81 -14.66
N LEU A 49 19.26 -17.96 -14.22
CA LEU A 49 18.13 -18.01 -13.32
C LEU A 49 18.39 -17.32 -11.98
N VAL A 50 19.65 -17.33 -11.54
CA VAL A 50 20.03 -16.68 -10.29
C VAL A 50 19.60 -15.21 -10.28
N ARG A 51 19.80 -14.53 -11.41
CA ARG A 51 19.41 -13.14 -11.57
C ARG A 51 18.00 -13.00 -12.15
N ALA A 52 17.58 -13.97 -12.97
CA ALA A 52 16.29 -13.90 -13.63
C ALA A 52 15.09 -14.08 -12.68
N LEU A 53 15.26 -14.88 -11.63
CA LEU A 53 14.20 -15.07 -10.64
C LEU A 53 13.85 -13.74 -9.96
N PRO A 54 14.80 -13.08 -9.25
CA PRO A 54 14.50 -11.82 -8.58
C PRO A 54 13.99 -10.75 -9.54
N GLN A 55 14.64 -10.65 -10.71
CA GLN A 55 14.30 -9.65 -11.71
C GLN A 55 12.85 -9.78 -12.21
N SER A 56 12.40 -11.02 -12.44
CA SER A 56 11.03 -11.28 -12.84
C SER A 56 10.02 -10.95 -11.75
N LEU A 57 10.37 -11.31 -10.51
CA LEU A 57 9.51 -11.05 -9.37
C LEU A 57 9.39 -9.55 -9.13
N ALA A 58 10.53 -8.84 -9.20
CA ALA A 58 10.55 -7.40 -9.05
C ALA A 58 9.71 -6.71 -10.12
N ASN A 59 9.86 -7.15 -11.38
CA ASN A 59 9.09 -6.63 -12.50
C ASN A 59 7.60 -6.75 -12.27
N MET A 60 7.18 -7.92 -11.79
CA MET A 60 5.78 -8.22 -11.57
C MET A 60 5.17 -7.30 -10.49
N LEU A 61 5.99 -6.89 -9.51
CA LEU A 61 5.55 -6.02 -8.45
C LEU A 61 5.32 -4.57 -8.91
N ASP A 62 5.89 -4.21 -10.07
CA ASP A 62 5.41 -3.06 -10.83
C ASP A 62 5.41 -1.74 -10.06
N ASN A 63 6.52 -1.44 -9.37
CA ASN A 63 6.65 -0.20 -8.62
C ASN A 63 6.67 1.01 -9.56
N GLN A 64 6.11 2.13 -9.08
CA GLN A 64 5.96 3.34 -9.87
C GLN A 64 6.66 4.53 -9.22
N GLY A 65 7.90 4.32 -8.74
CA GLY A 65 8.60 5.31 -7.95
C GLY A 65 7.75 5.82 -6.78
N ASP A 66 8.08 7.00 -6.24
CA ASP A 66 7.18 7.66 -5.32
C ASP A 66 6.23 8.57 -6.10
N ASP A 67 5.13 7.97 -6.57
CA ASP A 67 4.14 8.69 -7.35
C ASP A 67 3.44 9.78 -6.53
N ILE A 68 3.15 9.49 -5.26
CA ILE A 68 2.52 10.47 -4.39
C ILE A 68 3.32 11.77 -4.40
N VAL A 69 4.64 11.64 -4.21
CA VAL A 69 5.50 12.82 -4.09
C VAL A 69 5.56 13.59 -5.41
N ARG A 70 5.92 12.92 -6.50
CA ARG A 70 6.11 13.61 -7.77
C ARG A 70 4.78 14.11 -8.33
N GLN A 71 3.72 13.32 -8.13
CA GLN A 71 2.45 13.57 -8.79
C GLN A 71 1.49 14.40 -7.93
N GLY A 72 1.44 14.11 -6.63
CA GLY A 72 0.52 14.80 -5.73
C GLY A 72 -0.93 14.40 -5.96
N GLY A 73 -1.83 15.40 -5.89
CA GLY A 73 -3.25 15.15 -6.05
C GLY A 73 -3.92 14.77 -4.73
N VAL A 74 -5.13 14.21 -4.83
CA VAL A 74 -5.85 13.70 -3.67
C VAL A 74 -5.56 12.21 -3.52
N VAL A 75 -4.85 11.85 -2.44
CA VAL A 75 -4.49 10.47 -2.16
C VAL A 75 -5.18 10.00 -0.89
N ALA A 76 -5.84 8.84 -0.97
CA ALA A 76 -6.50 8.24 0.17
C ALA A 76 -5.86 6.89 0.53
N LEU A 77 -5.71 6.65 1.83
CA LEU A 77 -5.25 5.37 2.34
C LEU A 77 -6.44 4.61 2.89
N VAL A 78 -6.62 3.38 2.39
CA VAL A 78 -7.69 2.51 2.85
C VAL A 78 -7.04 1.18 3.25
N GLY A 79 -7.73 0.42 4.09
CA GLY A 79 -7.23 -0.86 4.55
C GLY A 79 -7.86 -1.33 5.86
N PRO A 80 -7.64 -2.60 6.26
CA PRO A 80 -8.22 -3.13 7.49
C PRO A 80 -7.53 -2.54 8.72
N THR A 81 -7.95 -2.99 9.90
CA THR A 81 -7.61 -2.35 11.16
C THR A 81 -6.15 -2.49 11.59
N GLY A 82 -5.58 -1.40 12.13
CA GLY A 82 -4.28 -1.43 12.77
C GLY A 82 -3.08 -1.70 11.87
N VAL A 83 -3.30 -1.62 10.55
CA VAL A 83 -2.25 -1.87 9.58
C VAL A 83 -1.26 -0.71 9.47
N GLY A 84 -1.67 0.48 9.91
CA GLY A 84 -0.79 1.65 9.92
C GLY A 84 -1.13 2.74 8.91
N LYS A 85 -2.42 2.90 8.60
CA LYS A 85 -2.88 3.93 7.68
C LYS A 85 -2.52 5.34 8.17
N THR A 86 -2.82 5.63 9.45
CA THR A 86 -2.56 6.95 10.00
C THR A 86 -1.05 7.23 10.05
N THR A 87 -0.28 6.23 10.46
CA THR A 87 1.17 6.34 10.56
C THR A 87 1.84 6.52 9.21
N SER A 88 1.33 5.82 8.19
CA SER A 88 1.89 5.90 6.86
C SER A 88 1.48 7.20 6.18
N LEU A 89 0.26 7.66 6.49
CA LEU A 89 -0.21 8.96 6.02
C LEU A 89 0.73 10.06 6.49
N ALA A 90 1.08 10.05 7.78
CA ALA A 90 1.95 11.05 8.36
C ALA A 90 3.33 11.05 7.69
N LYS A 91 3.84 9.84 7.44
CA LYS A 91 5.13 9.68 6.78
C LYS A 91 5.09 10.30 5.39
N LEU A 92 4.01 10.02 4.64
CA LEU A 92 3.84 10.56 3.30
C LEU A 92 3.77 12.09 3.33
N ALA A 93 2.97 12.64 4.25
CA ALA A 93 2.87 14.08 4.43
C ALA A 93 4.25 14.74 4.54
N ALA A 94 5.06 14.25 5.49
CA ALA A 94 6.38 14.80 5.77
C ALA A 94 7.30 14.69 4.57
N ARG A 95 7.28 13.50 3.94
CA ARG A 95 7.99 13.26 2.69
C ARG A 95 7.69 14.34 1.67
N PHE A 96 6.39 14.55 1.40
CA PHE A 96 5.98 15.54 0.42
C PHE A 96 6.44 16.94 0.86
N ALA A 97 6.33 17.24 2.15
CA ALA A 97 6.68 18.54 2.69
C ALA A 97 8.18 18.83 2.67
N ALA A 98 9.00 17.78 2.79
CA ALA A 98 10.45 17.91 2.83
C ALA A 98 11.00 18.32 1.47
N HIS A 99 10.46 17.73 0.41
CA HIS A 99 10.52 18.30 -0.93
C HIS A 99 9.35 19.29 -0.89
N HIS A 100 9.24 20.17 -1.90
CA HIS A 100 8.13 21.10 -1.95
C HIS A 100 8.02 21.95 -0.68
N GLY A 101 6.96 21.76 0.12
CA GLY A 101 6.75 22.51 1.35
C GLY A 101 5.48 22.13 2.10
N PRO A 102 5.39 22.42 3.43
CA PRO A 102 4.21 22.07 4.22
C PRO A 102 2.93 22.82 3.82
N GLU A 103 3.10 24.08 3.41
CA GLU A 103 2.02 24.90 2.86
C GLU A 103 1.36 24.28 1.64
N GLN A 104 1.93 23.18 1.13
CA GLN A 104 1.41 22.50 -0.05
C GLN A 104 0.68 21.20 0.31
N VAL A 105 0.64 20.88 1.61
CA VAL A 105 0.07 19.64 2.09
C VAL A 105 -1.10 19.94 3.02
N ALA A 106 -2.15 19.12 2.93
CA ALA A 106 -3.28 19.15 3.84
C ALA A 106 -3.78 17.73 4.11
N LEU A 107 -4.40 17.53 5.29
CA LEU A 107 -4.84 16.22 5.73
C LEU A 107 -6.34 16.20 6.02
N ILE A 108 -6.98 15.08 5.69
CA ILE A 108 -8.38 14.86 5.96
C ILE A 108 -8.56 13.48 6.60
N THR A 109 -9.48 13.38 7.54
CA THR A 109 -9.90 12.08 8.03
C THR A 109 -11.40 11.90 7.85
N THR A 110 -11.80 10.69 7.44
CA THR A 110 -13.21 10.34 7.32
C THR A 110 -13.58 9.38 8.45
N ASP A 111 -12.70 9.26 9.44
CA ASP A 111 -12.85 8.33 10.55
C ASP A 111 -13.52 9.03 11.73
N HIS A 112 -14.84 8.91 11.79
CA HIS A 112 -15.62 9.45 12.91
C HIS A 112 -15.98 8.36 13.90
N TYR A 113 -15.20 7.26 13.88
CA TYR A 113 -15.41 6.13 14.78
C TYR A 113 -14.46 6.19 15.97
N ARG A 114 -13.14 6.16 15.70
CA ARG A 114 -12.13 6.09 16.75
C ARG A 114 -12.25 7.23 17.76
N ILE A 115 -11.98 6.92 19.03
CA ILE A 115 -12.05 7.89 20.10
C ILE A 115 -11.14 9.07 19.75
N GLY A 116 -11.76 10.14 19.23
CA GLY A 116 -11.04 11.33 18.79
C GLY A 116 -9.94 11.07 17.78
N ALA A 117 -10.32 10.65 16.56
CA ALA A 117 -9.37 10.45 15.46
C ALA A 117 -8.81 11.77 14.95
N TYR A 118 -9.65 12.81 14.92
CA TYR A 118 -9.24 14.15 14.54
C TYR A 118 -8.02 14.61 15.34
N GLU A 119 -8.01 14.34 16.65
CA GLU A 119 -6.97 14.83 17.54
C GLU A 119 -5.60 14.24 17.23
N GLN A 120 -5.54 12.93 16.91
CA GLN A 120 -4.29 12.31 16.54
C GLN A 120 -3.74 13.01 15.30
N LEU A 121 -4.58 13.04 14.25
CA LEU A 121 -4.18 13.58 12.96
C LEU A 121 -3.92 15.08 13.06
N ALA A 122 -4.74 15.77 13.86
CA ALA A 122 -4.55 17.19 14.12
C ALA A 122 -3.19 17.46 14.77
N THR A 123 -2.75 16.55 15.64
CA THR A 123 -1.47 16.71 16.32
C THR A 123 -0.31 16.56 15.34
N TYR A 124 -0.40 15.59 14.42
CA TYR A 124 0.54 15.49 13.32
C TYR A 124 0.58 16.76 12.48
N GLY A 125 -0.60 17.36 12.26
CA GLY A 125 -0.72 18.64 11.57
C GLY A 125 0.13 19.74 12.19
N LYS A 126 0.09 19.85 13.52
CA LYS A 126 0.91 20.80 14.26
C LYS A 126 2.40 20.49 14.05
N ILE A 127 2.77 19.22 14.23
CA ILE A 127 4.13 18.75 14.05
C ILE A 127 4.68 19.12 12.67
N MET A 128 3.88 18.82 11.63
CA MET A 128 4.33 18.89 10.25
C MET A 128 3.89 20.16 9.53
N GLY A 129 3.11 21.01 10.23
CA GLY A 129 2.74 22.32 9.73
C GLY A 129 1.76 22.29 8.55
N CYS A 130 0.71 21.49 8.67
CA CYS A 130 -0.30 21.40 7.63
C CYS A 130 -1.70 21.32 8.22
N PRO A 131 -2.71 21.95 7.57
CA PRO A 131 -4.08 21.93 8.07
C PRO A 131 -4.68 20.53 8.09
N VAL A 132 -5.68 20.33 8.96
CA VAL A 132 -6.30 19.04 9.20
C VAL A 132 -7.80 19.24 9.39
N LYS A 133 -8.61 18.55 8.56
CA LYS A 133 -10.05 18.61 8.65
C LYS A 133 -10.66 17.20 8.79
N GLN A 134 -11.84 17.13 9.40
CA GLN A 134 -12.60 15.89 9.49
C GLN A 134 -13.89 15.95 8.68
N ALA A 135 -14.04 15.02 7.74
CA ALA A 135 -15.26 14.86 6.97
C ALA A 135 -16.19 13.86 7.66
N HIS A 136 -17.38 14.32 8.04
CA HIS A 136 -18.39 13.47 8.67
C HIS A 136 -19.27 12.78 7.64
N ASP A 137 -19.39 13.37 6.44
CA ASP A 137 -20.16 12.77 5.35
C ASP A 137 -19.59 13.21 4.01
N LEU A 138 -20.25 12.81 2.93
CA LEU A 138 -19.75 13.05 1.58
C LEU A 138 -19.73 14.53 1.22
N ASN A 139 -20.85 15.22 1.41
CA ASN A 139 -20.94 16.64 1.10
C ASN A 139 -19.79 17.43 1.73
N GLU A 140 -19.51 17.16 3.00
CA GLU A 140 -18.46 17.85 3.74
C GLU A 140 -17.09 17.51 3.16
N LEU A 141 -16.86 16.25 2.79
CA LEU A 141 -15.63 15.86 2.13
C LEU A 141 -15.42 16.65 0.84
N GLU A 142 -16.49 16.79 0.05
CA GLU A 142 -16.43 17.47 -1.23
C GLU A 142 -16.16 18.97 -1.07
N GLN A 143 -16.68 19.54 0.02
CA GLN A 143 -16.40 20.92 0.37
C GLN A 143 -14.93 21.08 0.75
N ILE A 144 -14.45 20.20 1.64
CA ILE A 144 -13.09 20.30 2.16
C ILE A 144 -12.07 20.16 1.04
N LEU A 145 -12.34 19.30 0.06
CA LEU A 145 -11.42 19.07 -1.04
C LEU A 145 -11.35 20.27 -1.98
N TYR A 146 -12.51 20.87 -2.29
CA TYR A 146 -12.53 22.08 -3.10
C TYR A 146 -11.91 23.27 -2.34
N GLN A 147 -12.20 23.36 -1.04
CA GLN A 147 -11.53 24.31 -0.16
C GLN A 147 -10.01 24.18 -0.19
N PHE A 148 -9.50 22.95 -0.27
CA PHE A 148 -8.07 22.68 -0.31
C PHE A 148 -7.51 22.55 -1.73
N ARG A 149 -8.25 23.06 -2.73
CA ARG A 149 -7.84 22.96 -4.12
C ARG A 149 -6.44 23.50 -4.42
N ASN A 150 -5.99 24.53 -3.67
CA ASN A 150 -4.66 25.10 -3.87
C ASN A 150 -3.52 24.26 -3.31
N ARG A 151 -3.85 23.28 -2.45
CA ARG A 151 -2.86 22.35 -1.95
C ARG A 151 -2.46 21.40 -3.07
N LYS A 152 -1.19 21.00 -3.09
CA LYS A 152 -0.67 20.12 -4.13
C LYS A 152 -0.83 18.65 -3.75
N LEU A 153 -0.79 18.36 -2.45
CA LEU A 153 -1.15 17.05 -1.93
C LEU A 153 -2.21 17.18 -0.85
N VAL A 154 -3.35 16.50 -1.04
CA VAL A 154 -4.32 16.26 0.01
C VAL A 154 -4.34 14.76 0.32
N LEU A 155 -4.00 14.40 1.55
CA LEU A 155 -4.00 13.02 2.02
C LEU A 155 -5.25 12.73 2.85
N ILE A 156 -5.95 11.65 2.49
CA ILE A 156 -7.16 11.24 3.20
C ILE A 156 -6.93 9.95 3.98
N ASP A 157 -7.17 10.02 5.30
CA ASP A 157 -7.11 8.87 6.19
C ASP A 157 -8.52 8.35 6.44
N THR A 158 -8.82 7.16 5.93
CA THR A 158 -10.10 6.51 6.18
C THR A 158 -10.08 5.71 7.47
N ALA A 159 -11.27 5.27 7.90
CA ALA A 159 -11.41 4.47 9.11
C ALA A 159 -11.03 3.02 8.83
N GLY A 160 -10.17 2.45 9.68
CA GLY A 160 -9.88 1.03 9.63
C GLY A 160 -11.09 0.18 10.01
N MET A 161 -11.44 -0.77 9.14
CA MET A 161 -12.54 -1.70 9.38
C MET A 161 -12.15 -3.07 8.86
N GLY A 162 -12.74 -4.12 9.45
CA GLY A 162 -12.58 -5.47 8.93
C GLY A 162 -13.08 -5.55 7.49
N GLN A 163 -12.35 -6.30 6.65
CA GLN A 163 -12.63 -6.32 5.22
C GLN A 163 -14.04 -6.78 4.89
N ARG A 164 -14.68 -7.54 5.79
CA ARG A 164 -16.05 -8.00 5.60
C ARG A 164 -17.07 -7.23 6.44
N ASP A 165 -16.67 -6.05 6.93
CA ASP A 165 -17.57 -5.19 7.68
C ASP A 165 -18.60 -4.57 6.74
N MET A 166 -19.87 -4.64 7.12
CA MET A 166 -20.94 -4.17 6.25
C MET A 166 -20.91 -2.66 6.06
N ARG A 167 -20.24 -1.93 6.96
CA ARG A 167 -20.09 -0.50 6.82
C ARG A 167 -19.00 -0.11 5.81
N LEU A 168 -18.23 -1.09 5.34
CA LEU A 168 -17.04 -0.83 4.54
C LEU A 168 -17.31 0.08 3.34
N TYR A 169 -18.36 -0.25 2.57
CA TYR A 169 -18.70 0.51 1.38
C TYR A 169 -18.87 2.00 1.67
N GLN A 170 -19.33 2.34 2.88
CA GLN A 170 -19.54 3.72 3.27
C GLN A 170 -18.25 4.52 3.11
N GLN A 171 -17.17 4.06 3.77
CA GLN A 171 -15.88 4.72 3.66
C GLN A 171 -15.34 4.71 2.22
N LEU A 172 -15.63 3.64 1.47
CA LEU A 172 -15.04 3.45 0.16
C LEU A 172 -15.73 4.18 -0.98
N ASP A 173 -17.07 4.09 -1.05
CA ASP A 173 -17.81 4.69 -2.15
C ASP A 173 -17.73 6.21 -2.16
N ASN A 174 -17.57 6.81 -0.97
CA ASN A 174 -17.34 8.25 -0.87
C ASN A 174 -16.11 8.72 -1.64
N LEU A 175 -15.09 7.86 -1.70
CA LEU A 175 -13.84 8.22 -2.35
C LEU A 175 -13.94 8.15 -3.87
N THR A 176 -15.06 7.64 -4.37
CA THR A 176 -15.22 7.40 -5.80
C THR A 176 -16.52 8.05 -6.30
N ALA A 177 -17.19 8.81 -5.44
CA ALA A 177 -18.38 9.55 -5.80
C ALA A 177 -17.94 10.89 -6.37
N ASN A 178 -18.76 11.45 -7.28
CA ASN A 178 -18.42 12.64 -8.04
C ASN A 178 -17.17 12.43 -8.91
N SER A 179 -17.40 12.30 -10.23
CA SER A 179 -16.33 12.02 -11.18
C SER A 179 -15.49 13.25 -11.53
N ARG A 180 -15.59 14.31 -10.72
CA ARG A 180 -14.77 15.50 -10.92
C ARG A 180 -13.94 15.85 -9.69
N ILE A 181 -13.90 14.95 -8.70
CA ILE A 181 -12.81 14.95 -7.73
C ILE A 181 -12.12 13.59 -7.89
N PRO A 182 -11.07 13.50 -8.74
CA PRO A 182 -10.29 12.27 -8.85
C PRO A 182 -9.51 12.00 -7.56
N ILE A 183 -9.59 10.76 -7.07
CA ILE A 183 -8.89 10.36 -5.87
C ILE A 183 -8.17 9.03 -6.13
N ARG A 184 -6.88 8.99 -5.76
CA ARG A 184 -6.10 7.77 -5.86
C ARG A 184 -6.09 7.08 -4.49
N SER A 185 -6.72 5.91 -4.43
CA SER A 185 -6.78 5.13 -3.21
C SER A 185 -5.66 4.09 -3.20
N TYR A 186 -4.91 4.06 -2.08
CA TYR A 186 -3.87 3.07 -1.88
C TYR A 186 -4.28 2.14 -0.75
N LEU A 187 -4.22 0.83 -1.01
CA LEU A 187 -4.54 -0.16 0.00
C LEU A 187 -3.33 -0.34 0.92
N VAL A 188 -3.56 -0.22 2.23
CA VAL A 188 -2.51 -0.43 3.21
C VAL A 188 -2.73 -1.82 3.79
N LEU A 189 -1.72 -2.68 3.67
CA LEU A 189 -1.76 -4.04 4.20
C LEU A 189 -0.48 -4.33 4.96
N SER A 190 -0.61 -5.10 6.03
CA SER A 190 0.53 -5.50 6.84
C SER A 190 1.11 -6.80 6.30
N ALA A 191 2.44 -6.84 6.21
CA ALA A 191 3.15 -7.99 5.69
C ALA A 191 3.16 -9.18 6.65
N THR A 192 2.59 -8.99 7.85
CA THR A 192 2.41 -10.06 8.82
C THR A 192 1.20 -10.95 8.56
N GLY A 193 0.27 -10.49 7.72
CA GLY A 193 -0.98 -11.18 7.51
C GLY A 193 -0.87 -12.49 6.73
N GLN A 194 -1.72 -13.47 7.08
CA GLN A 194 -1.84 -14.68 6.28
C GLN A 194 -2.16 -14.31 4.84
N ARG A 195 -1.65 -15.10 3.90
CA ARG A 195 -1.83 -14.84 2.49
C ARG A 195 -3.32 -14.70 2.15
N ARG A 196 -4.13 -15.64 2.65
CA ARG A 196 -5.54 -15.69 2.33
C ARG A 196 -6.33 -14.51 2.91
N VAL A 197 -5.91 -14.04 4.09
CA VAL A 197 -6.47 -12.84 4.69
C VAL A 197 -6.18 -11.62 3.81
N LEU A 198 -4.91 -11.47 3.42
CA LEU A 198 -4.52 -10.37 2.57
C LEU A 198 -5.31 -10.37 1.26
N GLN A 199 -5.49 -11.56 0.68
CA GLN A 199 -6.26 -11.70 -0.55
C GLN A 199 -7.73 -11.34 -0.31
N ASP A 200 -8.27 -11.80 0.82
CA ASP A 200 -9.65 -11.52 1.18
C ASP A 200 -9.83 -10.01 1.31
N ALA A 201 -8.90 -9.36 2.02
CA ALA A 201 -8.87 -7.90 2.13
C ALA A 201 -8.88 -7.26 0.75
N VAL A 202 -7.95 -7.69 -0.12
CA VAL A 202 -7.83 -7.12 -1.45
C VAL A 202 -9.18 -7.19 -2.17
N ASN A 203 -9.78 -8.38 -2.20
CA ASN A 203 -11.02 -8.60 -2.92
C ASN A 203 -12.14 -7.64 -2.48
N HIS A 204 -12.26 -7.43 -1.16
CA HIS A 204 -13.32 -6.57 -0.63
C HIS A 204 -13.02 -5.09 -0.83
N PHE A 205 -11.75 -4.69 -0.65
CA PHE A 205 -11.35 -3.31 -0.86
C PHE A 205 -11.33 -2.89 -2.33
N LYS A 206 -11.11 -3.84 -3.25
CA LYS A 206 -11.18 -3.55 -4.68
C LYS A 206 -12.58 -3.21 -5.18
N ARG A 207 -13.55 -3.10 -4.26
CA ARG A 207 -14.84 -2.50 -4.54
C ARG A 207 -14.73 -1.10 -5.13
N ILE A 208 -13.57 -0.46 -4.91
CA ILE A 208 -13.22 0.77 -5.63
C ILE A 208 -11.88 0.55 -6.34
N PRO A 209 -11.60 1.28 -7.44
CA PRO A 209 -10.27 1.21 -8.06
C PRO A 209 -9.18 1.65 -7.09
N LEU A 210 -8.10 0.86 -7.04
CA LEU A 210 -6.94 1.13 -6.20
C LEU A 210 -5.77 1.46 -7.12
N SER A 211 -4.94 2.43 -6.70
CA SER A 211 -3.82 2.89 -7.50
C SER A 211 -2.54 2.11 -7.17
N GLY A 212 -2.52 1.48 -6.01
CA GLY A 212 -1.37 0.72 -5.57
C GLY A 212 -1.56 0.24 -4.14
N ALA A 213 -0.47 -0.28 -3.56
CA ALA A 213 -0.48 -0.81 -2.20
C ALA A 213 0.68 -0.23 -1.39
N VAL A 214 0.43 -0.04 -0.09
CA VAL A 214 1.48 0.25 0.87
C VAL A 214 1.63 -0.98 1.75
N LEU A 215 2.87 -1.48 1.86
CA LEU A 215 3.13 -2.69 2.60
C LEU A 215 3.83 -2.32 3.90
N THR A 216 3.14 -2.55 5.03
CA THR A 216 3.65 -2.15 6.33
C THR A 216 4.22 -3.30 7.14
N LYS A 217 5.03 -2.93 8.15
CA LYS A 217 5.49 -3.84 9.19
C LYS A 217 6.41 -4.93 8.65
N LEU A 218 7.32 -4.54 7.76
CA LEU A 218 8.35 -5.45 7.28
C LEU A 218 9.30 -5.83 8.43
N ASP A 219 9.45 -4.95 9.41
CA ASP A 219 10.22 -5.23 10.61
C ASP A 219 9.59 -6.24 11.55
N GLU A 220 8.29 -6.54 11.37
CA GLU A 220 7.60 -7.60 12.11
C GLU A 220 7.43 -8.89 11.33
N SER A 221 7.74 -8.86 10.02
CA SER A 221 7.48 -9.98 9.14
C SER A 221 8.59 -11.02 9.19
N VAL A 222 8.21 -12.29 9.07
CA VAL A 222 9.16 -13.37 8.86
C VAL A 222 9.47 -13.46 7.37
N SER A 223 8.43 -13.48 6.54
CA SER A 223 8.57 -13.64 5.10
C SER A 223 7.65 -12.72 4.28
N LEU A 224 8.17 -12.20 3.18
CA LEU A 224 7.40 -11.35 2.30
C LEU A 224 6.74 -12.10 1.14
N ALA A 225 6.96 -13.42 1.04
CA ALA A 225 6.59 -14.19 -0.13
C ALA A 225 5.09 -14.20 -0.41
N GLY A 226 4.29 -14.44 0.64
CA GLY A 226 2.84 -14.44 0.50
C GLY A 226 2.28 -13.05 0.19
N ALA A 227 2.79 -12.04 0.90
CA ALA A 227 2.34 -10.67 0.71
C ALA A 227 2.62 -10.19 -0.71
N LEU A 228 3.85 -10.41 -1.17
CA LEU A 228 4.23 -10.02 -2.52
C LEU A 228 3.37 -10.78 -3.52
N SER A 229 3.13 -12.06 -3.27
CA SER A 229 2.34 -12.89 -4.17
C SER A 229 0.92 -12.35 -4.37
N VAL A 230 0.25 -11.95 -3.28
CA VAL A 230 -1.09 -11.40 -3.34
C VAL A 230 -1.16 -10.14 -4.22
N LEU A 231 -0.16 -9.26 -4.09
CA LEU A 231 -0.11 -8.05 -4.89
C LEU A 231 0.03 -8.37 -6.38
N ILE A 232 0.91 -9.35 -6.69
CA ILE A 232 1.13 -9.81 -8.05
C ILE A 232 -0.21 -10.28 -8.59
N GLN A 233 -0.78 -11.31 -7.93
CA GLN A 233 -2.05 -11.92 -8.32
C GLN A 233 -3.19 -10.93 -8.54
N SER A 234 -3.27 -9.91 -7.68
CA SER A 234 -4.37 -8.96 -7.72
C SER A 234 -4.12 -7.81 -8.69
N GLY A 235 -2.93 -7.80 -9.31
CA GLY A 235 -2.53 -6.72 -10.19
C GLY A 235 -2.44 -5.35 -9.51
N LEU A 236 -2.06 -5.37 -8.22
CA LEU A 236 -1.84 -4.15 -7.45
C LEU A 236 -0.36 -3.79 -7.43
N PRO A 237 0.06 -2.63 -8.00
CA PRO A 237 1.43 -2.16 -7.86
C PRO A 237 1.85 -1.99 -6.39
N LEU A 238 3.12 -2.30 -6.10
CA LEU A 238 3.68 -2.06 -4.78
C LEU A 238 4.37 -0.71 -4.77
N SER A 239 3.76 0.25 -4.07
CA SER A 239 4.20 1.64 -4.10
C SER A 239 5.23 1.97 -3.02
N TYR A 240 4.87 1.77 -1.75
CA TYR A 240 5.76 2.04 -0.64
C TYR A 240 5.76 0.89 0.36
N VAL A 241 6.87 0.81 1.11
CA VAL A 241 6.99 -0.10 2.23
C VAL A 241 7.34 0.71 3.48
N THR A 242 6.92 0.19 4.64
CA THR A 242 7.30 0.76 5.93
C THR A 242 7.92 -0.36 6.77
N ASP A 243 8.89 0.01 7.60
CA ASP A 243 9.71 -0.94 8.33
C ASP A 243 9.98 -0.49 9.76
N GLY A 244 9.05 0.28 10.32
CA GLY A 244 9.13 0.65 11.72
C GLY A 244 8.11 1.72 12.10
N GLN A 245 8.20 2.17 13.36
CA GLN A 245 7.21 3.08 13.92
C GLN A 245 7.66 4.53 13.89
N ARG A 246 8.88 4.79 13.41
CA ARG A 246 9.43 6.13 13.43
C ARG A 246 8.83 6.96 12.32
N VAL A 247 8.18 8.06 12.70
CA VAL A 247 7.70 9.05 11.76
C VAL A 247 8.76 10.15 11.69
N PRO A 248 9.21 10.59 10.48
CA PRO A 248 8.71 10.07 9.20
C PRO A 248 9.58 9.07 8.44
N GLU A 249 10.76 8.71 8.99
CA GLU A 249 11.78 8.08 8.15
C GLU A 249 11.55 6.61 7.85
N ASP A 250 10.73 5.90 8.66
CA ASP A 250 10.54 4.48 8.46
C ASP A 250 9.53 4.20 7.34
N MET A 251 9.78 4.79 6.18
CA MET A 251 9.05 4.49 4.96
C MET A 251 10.02 4.61 3.80
N LYS A 252 9.93 3.68 2.83
CA LYS A 252 10.72 3.76 1.62
C LYS A 252 9.80 3.55 0.42
N VAL A 253 10.18 4.13 -0.72
CA VAL A 253 9.71 3.67 -2.01
C VAL A 253 10.13 2.21 -2.13
N ALA A 254 9.20 1.35 -2.56
CA ALA A 254 9.48 -0.08 -2.64
C ALA A 254 10.58 -0.31 -3.67
N ASP A 255 11.74 -0.76 -3.20
CA ASP A 255 12.79 -1.29 -4.04
C ASP A 255 12.49 -2.77 -4.26
N THR A 256 11.86 -3.08 -5.40
CA THR A 256 11.27 -4.37 -5.65
C THR A 256 12.31 -5.47 -5.84
N LEU A 257 13.46 -5.11 -6.41
CA LEU A 257 14.54 -6.06 -6.61
C LEU A 257 15.11 -6.54 -5.26
N MET A 258 15.35 -5.58 -4.36
CA MET A 258 15.74 -5.90 -3.00
C MET A 258 14.73 -6.80 -2.30
N LEU A 259 13.44 -6.46 -2.44
CA LEU A 259 12.36 -7.22 -1.84
C LEU A 259 12.29 -8.62 -2.42
N ALA A 260 12.37 -8.68 -3.77
CA ALA A 260 12.39 -9.95 -4.48
C ALA A 260 13.50 -10.85 -3.96
N GLN A 261 14.72 -10.31 -3.92
CA GLN A 261 15.88 -11.04 -3.39
C GLN A 261 15.62 -11.56 -1.99
N GLN A 262 15.17 -10.69 -1.09
CA GLN A 262 14.83 -11.09 0.27
C GLN A 262 13.86 -12.26 0.30
N ALA A 263 12.76 -12.15 -0.47
CA ALA A 263 11.73 -13.17 -0.50
C ALA A 263 12.24 -14.53 -1.00
N LEU A 264 13.19 -14.50 -1.94
CA LEU A 264 13.72 -15.71 -2.56
C LEU A 264 14.91 -16.34 -1.84
N ALA A 265 15.42 -15.64 -0.81
CA ALA A 265 16.62 -16.10 -0.11
C ALA A 265 16.42 -17.39 0.67
N THR A 266 15.15 -17.75 0.94
CA THR A 266 14.79 -19.02 1.55
C THR A 266 15.31 -20.21 0.77
N LEU A 267 15.14 -20.16 -0.56
CA LEU A 267 15.56 -21.21 -1.47
C LEU A 267 17.07 -21.45 -1.35
N ASP A 268 17.83 -20.36 -1.11
CA ASP A 268 19.26 -20.43 -0.91
C ASP A 268 19.56 -20.86 0.52
#